data_6AAE
#
_entry.id   6AAE
#
_cell.length_a   118.943
_cell.length_b   153.586
_cell.length_c   44.243
_cell.angle_alpha   90.00
_cell.angle_beta   90.00
_cell.angle_gamma   90.00
#
_symmetry.space_group_name_H-M   'P 21 21 2'
#
loop_
_entity.id
_entity.type
_entity.pdbx_description
1 polymer Esterase
2 non-polymer 'PENTAETHYLENE GLYCOL'
3 non-polymer DI(HYDROXYETHYL)ETHER
4 water water
#
_entity_poly.entity_id   1
_entity_poly.type   'polypeptide(L)'
_entity_poly.pdbx_seq_one_letter_code
;MPLNPHVEALLQMMAQMPAPDFSVANPAEIRAVFDNLAAPPQVARVENIAISLDGRDLDARLYVPEDADERPALMVYYHG
GGWVIGTLDTHDGTCRALAQKSGCAVLSIAYRLAPEYRYPAPAEDCYDALVWAKQNAATLGVDGDRLAVGGDSAGGNLAA
AVAIMARDRNGPALRHQLLIYPVTDNDFTLASYAENGGGEYYLSTDGMRWFWGHYLGDTAAENAPLAAVLNVADLSGLAP
ATVITAEYDPLRDEGIAYAKKLDAAGVPVDAATAPGMIHGFFSMFEAVPDSWEWIERGASNLKRDLALEHHHHHHHH
;
_entity_poly.pdbx_strand_id   A,B
#
# COMPACT_ATOMS: atom_id res chain seq x y z
N PRO A 2 -21.42 -20.02 -4.23
CA PRO A 2 -20.19 -20.58 -3.69
C PRO A 2 -19.15 -19.49 -3.45
N LEU A 3 -18.03 -19.88 -2.86
CA LEU A 3 -16.97 -18.94 -2.54
C LEU A 3 -16.40 -18.31 -3.82
N ASN A 4 -16.18 -17.00 -3.80
CA ASN A 4 -15.49 -16.33 -4.90
C ASN A 4 -14.16 -17.04 -5.17
N PRO A 5 -13.90 -17.40 -6.44
CA PRO A 5 -12.69 -18.15 -6.81
C PRO A 5 -11.40 -17.42 -6.44
N HIS A 6 -11.41 -16.09 -6.52
CA HIS A 6 -10.22 -15.33 -6.16
C HIS A 6 -10.06 -15.33 -4.64
N VAL A 7 -11.17 -15.35 -3.91
CA VAL A 7 -11.12 -15.42 -2.46
C VAL A 7 -10.58 -16.79 -2.05
N GLU A 8 -11.04 -17.82 -2.73
CA GLU A 8 -10.56 -19.17 -2.49
C GLU A 8 -9.05 -19.25 -2.70
N ALA A 9 -8.56 -18.72 -3.83
CA ALA A 9 -7.13 -18.72 -4.11
C ALA A 9 -6.34 -17.97 -3.03
N LEU A 10 -6.89 -16.86 -2.54
CA LEU A 10 -6.22 -16.09 -1.51
C LEU A 10 -6.16 -16.85 -0.18
N LEU A 11 -7.24 -17.54 0.19
CA LEU A 11 -7.26 -18.32 1.42
C LEU A 11 -6.27 -19.48 1.31
N GLN A 12 -6.19 -20.07 0.13
CA GLN A 12 -5.23 -21.14 -0.11
C GLN A 12 -3.83 -20.62 0.02
N MET A 13 -3.57 -19.45 -0.57
CA MET A 13 -2.25 -18.85 -0.53
C MET A 13 -1.88 -18.49 0.90
N MET A 14 -2.83 -17.95 1.65
CA MET A 14 -2.59 -17.59 3.05
C MET A 14 -2.24 -18.84 3.86
N ALA A 15 -2.78 -19.98 3.43
CA ALA A 15 -2.57 -21.24 4.13
C ALA A 15 -1.16 -21.81 3.95
N GLN A 16 -0.55 -21.52 2.80
CA GLN A 16 0.79 -22.01 2.50
C GLN A 16 1.89 -21.11 3.07
N MET A 17 1.51 -20.10 3.84
CA MET A 17 2.49 -19.18 4.42
C MET A 17 3.02 -19.73 5.74
N PRO A 18 4.25 -19.32 6.11
CA PRO A 18 4.84 -19.74 7.38
C PRO A 18 3.97 -19.38 8.58
N ALA A 19 3.63 -20.37 9.42
CA ALA A 19 2.82 -20.17 10.62
C ALA A 19 3.49 -19.16 11.57
N PRO A 20 2.71 -18.33 12.29
CA PRO A 20 3.33 -17.25 13.09
C PRO A 20 4.07 -17.67 14.39
N ASP A 21 3.82 -18.90 14.85
CA ASP A 21 4.41 -19.66 16.02
C ASP A 21 4.14 -19.19 17.47
N PHE A 22 3.05 -18.48 17.72
CA PHE A 22 2.76 -18.03 19.06
C PHE A 22 2.09 -19.13 19.91
N SER A 23 2.41 -19.12 21.19
CA SER A 23 1.98 -20.15 22.14
C SER A 23 0.54 -19.90 22.61
N VAL A 24 0.16 -18.63 22.65
CA VAL A 24 -1.16 -18.30 23.17
C VAL A 24 -1.73 -17.04 22.50
N ALA A 25 -3.06 -17.00 22.42
CA ALA A 25 -3.78 -15.88 21.81
C ALA A 25 -4.05 -14.78 22.82
N ASN A 26 -3.03 -13.98 23.10
CA ASN A 26 -3.21 -12.76 23.86
C ASN A 26 -3.13 -11.57 22.92
N PRO A 27 -3.54 -10.38 23.36
CA PRO A 27 -3.61 -9.24 22.42
C PRO A 27 -2.29 -8.92 21.72
N ALA A 28 -1.15 -8.94 22.41
CA ALA A 28 0.10 -8.58 21.76
C ALA A 28 0.42 -9.54 20.61
N GLU A 29 0.17 -10.83 20.83
CA GLU A 29 0.42 -11.84 19.80
C GLU A 29 -0.48 -11.65 18.58
N ILE A 30 -1.76 -11.42 18.85
CA ILE A 30 -2.74 -11.33 17.77
C ILE A 30 -2.51 -10.03 17.00
N ARG A 31 -2.17 -8.96 17.71
CA ARG A 31 -1.80 -7.70 17.07
C ARG A 31 -0.63 -7.90 16.12
N ALA A 32 0.37 -8.65 16.59
CA ALA A 32 1.58 -8.89 15.81
C ALA A 32 1.27 -9.67 14.55
N VAL A 33 0.48 -10.72 14.68
CA VAL A 33 0.08 -11.53 13.53
C VAL A 33 -0.67 -10.68 12.51
N PHE A 34 -1.64 -9.88 12.98
CA PHE A 34 -2.44 -9.07 12.07
C PHE A 34 -1.60 -7.97 11.40
N ASP A 35 -0.73 -7.31 12.17
CA ASP A 35 0.21 -6.36 11.55
C ASP A 35 1.05 -6.99 10.44
N ASN A 36 1.54 -8.20 10.68
CA ASN A 36 2.37 -8.87 9.68
C ASN A 36 1.59 -9.14 8.41
N LEU A 37 0.33 -9.52 8.58
CA LEU A 37 -0.55 -9.84 7.47
C LEU A 37 -0.96 -8.60 6.72
N ALA A 38 -1.37 -7.57 7.47
CA ALA A 38 -2.17 -6.51 6.88
C ALA A 38 -1.42 -5.21 6.59
N ALA A 39 -0.27 -5.00 7.21
CA ALA A 39 0.40 -3.71 7.04
C ALA A 39 1.67 -3.83 6.21
N PRO A 40 2.07 -2.73 5.55
CA PRO A 40 3.35 -2.75 4.83
C PRO A 40 4.49 -2.82 5.84
N PRO A 41 5.72 -3.12 5.37
CA PRO A 41 6.81 -3.21 6.33
C PRO A 41 6.94 -1.94 7.14
N GLN A 42 7.15 -2.09 8.44
CA GLN A 42 7.16 -0.94 9.32
C GLN A 42 8.44 -0.12 9.24
N VAL A 43 8.27 1.19 9.09
CA VAL A 43 9.37 2.13 9.22
C VAL A 43 8.97 3.19 10.23
N ALA A 44 9.91 4.03 10.65
CA ALA A 44 9.61 5.04 11.66
C ALA A 44 8.88 6.22 11.04
N ARG A 45 9.31 6.62 9.86
CA ARG A 45 8.78 7.82 9.26
C ARG A 45 8.79 7.70 7.75
N VAL A 46 7.71 8.15 7.14
CA VAL A 46 7.61 8.28 5.71
C VAL A 46 7.20 9.71 5.44
N GLU A 47 7.94 10.40 4.57
CA GLU A 47 7.66 11.79 4.26
C GLU A 47 7.52 11.98 2.75
N ASN A 48 6.42 12.57 2.33
CA ASN A 48 6.24 12.94 0.93
C ASN A 48 6.93 14.25 0.67
N ILE A 49 7.85 14.25 -0.28
CA ILE A 49 8.70 15.41 -0.54
C ILE A 49 8.54 15.86 -1.98
N ALA A 50 8.41 17.15 -2.21
CA ALA A 50 8.43 17.64 -3.58
C ALA A 50 9.82 18.18 -3.90
N ILE A 51 10.46 17.61 -4.92
CA ILE A 51 11.79 18.08 -5.32
C ILE A 51 11.68 19.07 -6.48
N SER A 52 11.99 20.33 -6.21
CA SER A 52 11.91 21.35 -7.24
C SER A 52 13.25 21.49 -7.92
N LEU A 53 13.31 21.01 -9.16
CA LEU A 53 14.52 21.11 -9.96
C LEU A 53 14.35 22.20 -11.01
N ASP A 54 15.46 22.53 -11.68
CA ASP A 54 15.38 23.43 -12.80
C ASP A 54 14.45 22.88 -13.87
N GLY A 55 13.30 23.52 -14.05
CA GLY A 55 12.40 23.19 -15.15
C GLY A 55 11.35 22.12 -14.88
N ARG A 56 11.42 21.48 -13.72
CA ARG A 56 10.46 20.42 -13.39
C ARG A 56 10.46 20.11 -11.90
N ASP A 57 9.30 19.72 -11.39
CA ASP A 57 9.18 19.20 -10.03
C ASP A 57 9.03 17.68 -10.06
N LEU A 58 9.72 17.00 -9.16
CA LEU A 58 9.56 15.54 -9.05
C LEU A 58 9.00 15.21 -7.67
N ASP A 59 8.02 14.32 -7.63
CA ASP A 59 7.59 13.77 -6.35
C ASP A 59 8.65 12.82 -5.84
N ALA A 60 8.86 12.80 -4.53
CA ALA A 60 9.75 11.83 -3.91
C ALA A 60 9.21 11.40 -2.56
N ARG A 61 9.78 10.31 -2.02
CA ARG A 61 9.33 9.83 -0.72
C ARG A 61 10.53 9.36 0.06
N LEU A 62 10.62 9.86 1.29
CA LEU A 62 11.73 9.54 2.17
C LEU A 62 11.27 8.56 3.23
N TYR A 63 12.00 7.45 3.35
CA TYR A 63 11.69 6.42 4.32
C TYR A 63 12.82 6.39 5.35
N VAL A 64 12.48 6.55 6.62
CA VAL A 64 13.48 6.44 7.67
C VAL A 64 13.13 5.24 8.55
N PRO A 65 14.03 4.26 8.64
CA PRO A 65 13.64 3.05 9.38
C PRO A 65 13.75 3.22 10.89
N GLU A 66 13.08 2.34 11.63
CA GLU A 66 13.28 2.27 13.08
C GLU A 66 14.74 1.94 13.33
N ASP A 67 15.24 2.27 14.52
CA ASP A 67 16.59 1.84 14.92
C ASP A 67 17.67 2.58 14.11
N ALA A 68 17.29 3.61 13.36
CA ALA A 68 18.26 4.28 12.50
C ALA A 68 19.13 5.26 13.28
N ASP A 69 20.33 5.51 12.76
CA ASP A 69 21.20 6.57 13.26
C ASP A 69 20.47 7.91 13.26
N GLU A 70 20.99 8.85 14.04
CA GLU A 70 20.48 10.21 14.06
C GLU A 70 20.56 10.85 12.68
N ARG A 71 21.69 10.66 12.03
CA ARG A 71 21.91 11.10 10.64
C ARG A 71 22.24 9.89 9.78
N PRO A 72 21.21 9.16 9.33
CA PRO A 72 21.51 7.90 8.65
C PRO A 72 22.07 8.08 7.24
N ALA A 73 22.76 7.05 6.75
CA ALA A 73 23.14 6.98 5.35
C ALA A 73 21.89 7.00 4.47
N LEU A 74 22.05 7.34 3.20
CA LEU A 74 20.92 7.47 2.28
C LEU A 74 21.13 6.68 0.99
N MET A 75 20.16 5.83 0.65
CA MET A 75 20.07 5.32 -0.70
C MET A 75 19.00 6.05 -1.51
N VAL A 76 19.42 6.66 -2.62
CA VAL A 76 18.46 7.22 -3.55
C VAL A 76 17.99 6.08 -4.45
N TYR A 77 16.67 5.85 -4.47
CA TYR A 77 16.09 4.66 -5.12
C TYR A 77 15.25 5.03 -6.33
N TYR A 78 15.38 4.25 -7.39
CA TYR A 78 14.62 4.45 -8.62
C TYR A 78 13.75 3.23 -8.94
N HIS A 79 12.43 3.45 -8.96
CA HIS A 79 11.50 2.35 -9.19
C HIS A 79 11.60 1.77 -10.60
N GLY A 80 11.19 0.51 -10.73
CA GLY A 80 11.09 -0.10 -12.03
C GLY A 80 9.75 0.14 -12.70
N GLY A 81 9.58 -0.42 -13.89
CA GLY A 81 8.40 -0.18 -14.70
C GLY A 81 8.77 0.12 -16.15
N GLY A 82 9.96 -0.33 -16.57
CA GLY A 82 10.36 -0.24 -17.97
C GLY A 82 10.48 1.17 -18.53
N TRP A 83 10.74 2.14 -17.65
CA TRP A 83 10.88 3.56 -18.01
C TRP A 83 9.56 4.20 -18.39
N VAL A 84 8.46 3.45 -18.28
CA VAL A 84 7.16 3.90 -18.78
C VAL A 84 6.07 3.88 -17.70
N ILE A 85 6.11 2.88 -16.83
CA ILE A 85 5.10 2.77 -15.78
C ILE A 85 5.76 2.72 -14.40
N GLY A 86 4.95 2.51 -13.36
CA GLY A 86 5.49 2.52 -12.01
C GLY A 86 5.32 3.87 -11.33
N THR A 87 5.17 3.85 -10.02
CA THR A 87 4.97 5.06 -9.22
C THR A 87 5.63 4.91 -7.86
N LEU A 88 5.61 5.97 -7.07
CA LEU A 88 6.06 5.85 -5.68
C LEU A 88 5.23 4.82 -4.92
N ASP A 89 3.95 4.75 -5.23
CA ASP A 89 3.07 3.79 -4.56
C ASP A 89 3.32 2.34 -4.99
N THR A 90 3.62 2.09 -6.27
CA THR A 90 3.84 0.69 -6.66
C THR A 90 5.07 0.11 -5.96
N HIS A 91 6.03 0.97 -5.64
CA HIS A 91 7.28 0.51 -5.05
C HIS A 91 7.45 0.90 -3.58
N ASP A 92 6.37 1.37 -2.97
CA ASP A 92 6.42 1.77 -1.57
C ASP A 92 6.80 0.61 -0.65
N GLY A 93 6.20 -0.55 -0.85
CA GLY A 93 6.53 -1.70 -0.03
C GLY A 93 7.99 -2.13 -0.18
N THR A 94 8.46 -2.13 -1.41
CA THR A 94 9.86 -2.46 -1.71
C THR A 94 10.84 -1.51 -1.01
N CYS A 95 10.57 -0.22 -1.08
CA CYS A 95 11.41 0.75 -0.37
C CYS A 95 11.36 0.59 1.16
N ARG A 96 10.18 0.35 1.72
CA ARG A 96 10.07 0.11 3.17
C ARG A 96 10.90 -1.11 3.57
N ALA A 97 10.81 -2.17 2.77
CA ALA A 97 11.54 -3.40 3.07
C ALA A 97 13.05 -3.17 3.06
N LEU A 98 13.55 -2.46 2.06
CA LEU A 98 14.97 -2.16 1.97
C LEU A 98 15.44 -1.24 3.11
N ALA A 99 14.61 -0.25 3.46
CA ALA A 99 14.99 0.66 4.53
C ALA A 99 15.05 -0.12 5.86
N GLN A 100 14.03 -0.92 6.11
CA GLN A 100 13.94 -1.70 7.34
C GLN A 100 15.12 -2.63 7.53
N LYS A 101 15.50 -3.35 6.49
CA LYS A 101 16.58 -4.32 6.61
C LYS A 101 17.98 -3.70 6.57
N SER A 102 18.13 -2.51 5.99
CA SER A 102 19.46 -1.91 5.83
C SER A 102 19.77 -0.94 6.96
N GLY A 103 18.74 -0.41 7.59
CA GLY A 103 18.93 0.64 8.58
C GLY A 103 19.31 1.94 7.91
N CYS A 104 19.17 2.01 6.59
CA CYS A 104 19.46 3.24 5.87
C CYS A 104 18.19 3.98 5.49
N ALA A 105 18.26 5.31 5.43
CA ALA A 105 17.17 6.06 4.84
C ALA A 105 17.11 5.74 3.34
N VAL A 106 15.90 5.79 2.78
CA VAL A 106 15.71 5.58 1.36
C VAL A 106 14.91 6.75 0.81
N LEU A 107 15.41 7.36 -0.26
CA LEU A 107 14.66 8.41 -0.95
C LEU A 107 14.24 7.92 -2.33
N SER A 108 12.94 7.60 -2.47
CA SER A 108 12.40 7.11 -3.73
C SER A 108 12.00 8.27 -4.66
N ILE A 109 12.46 8.21 -5.91
CA ILE A 109 12.29 9.31 -6.87
C ILE A 109 11.27 9.00 -7.95
N ALA A 110 10.27 9.85 -8.13
CA ALA A 110 9.34 9.71 -9.26
C ALA A 110 9.86 10.50 -10.45
N TYR A 111 10.81 9.90 -11.16
CA TYR A 111 11.39 10.52 -12.35
C TYR A 111 10.35 10.58 -13.46
N ARG A 112 10.54 11.46 -14.43
CA ARG A 112 9.58 11.60 -15.51
C ARG A 112 9.66 10.38 -16.41
N LEU A 113 8.53 10.00 -16.99
CA LEU A 113 8.42 8.73 -17.71
C LEU A 113 8.32 8.89 -19.22
N ALA A 114 8.83 7.88 -19.93
CA ALA A 114 8.63 7.76 -21.37
C ALA A 114 7.25 7.17 -21.63
N PRO A 115 6.66 7.41 -22.81
CA PRO A 115 7.16 8.15 -23.98
C PRO A 115 7.02 9.65 -23.87
N GLU A 116 6.33 10.14 -22.84
CA GLU A 116 6.13 11.58 -22.69
C GLU A 116 7.48 12.29 -22.56
N TYR A 117 8.39 11.64 -21.85
CA TYR A 117 9.74 12.14 -21.65
C TYR A 117 10.73 11.03 -21.97
N ARG A 118 11.13 10.98 -23.23
CA ARG A 118 12.04 9.93 -23.68
C ARG A 118 13.45 10.16 -23.18
N TYR A 119 14.28 9.14 -23.35
CA TYR A 119 15.71 9.26 -23.19
C TYR A 119 16.18 10.57 -23.84
N PRO A 120 17.05 11.32 -23.16
CA PRO A 120 17.70 11.01 -21.89
C PRO A 120 17.03 11.60 -20.64
N ALA A 121 15.80 12.09 -20.75
CA ALA A 121 15.15 12.80 -19.65
C ALA A 121 15.03 11.99 -18.34
N PRO A 122 14.54 10.73 -18.40
CA PRO A 122 14.43 10.00 -17.13
C PRO A 122 15.75 9.85 -16.38
N ALA A 123 16.84 9.55 -17.09
CA ALA A 123 18.14 9.39 -16.42
C ALA A 123 18.65 10.72 -15.86
N GLU A 124 18.42 11.81 -16.59
CA GLU A 124 18.85 13.12 -16.09
C GLU A 124 18.07 13.48 -14.81
N ASP A 125 16.79 13.13 -14.77
CA ASP A 125 15.98 13.31 -13.56
C ASP A 125 16.56 12.54 -12.38
N CYS A 126 16.91 11.28 -12.64
CA CYS A 126 17.46 10.42 -11.60
C CYS A 126 18.78 10.98 -11.09
N TYR A 127 19.61 11.46 -12.02
CA TYR A 127 20.89 12.02 -11.64
C TYR A 127 20.72 13.32 -10.86
N ASP A 128 19.87 14.21 -11.37
CA ASP A 128 19.66 15.51 -10.74
C ASP A 128 19.03 15.34 -9.34
N ALA A 129 18.21 14.32 -9.16
CA ALA A 129 17.64 14.02 -7.85
C ALA A 129 18.73 13.58 -6.88
N LEU A 130 19.71 12.83 -7.39
CA LEU A 130 20.84 12.42 -6.55
C LEU A 130 21.61 13.64 -6.07
N VAL A 131 21.90 14.54 -7.00
CA VAL A 131 22.62 15.76 -6.69
C VAL A 131 21.84 16.60 -5.67
N TRP A 132 20.53 16.73 -5.92
CA TRP A 132 19.64 17.45 -5.02
C TRP A 132 19.70 16.88 -3.61
N ALA A 133 19.68 15.56 -3.51
CA ALA A 133 19.72 14.91 -2.20
C ALA A 133 21.03 15.21 -1.47
N LYS A 134 22.14 15.20 -2.20
CA LYS A 134 23.44 15.52 -1.63
C LYS A 134 23.44 16.96 -1.10
N GLN A 135 22.92 17.87 -1.91
CA GLN A 135 22.95 19.31 -1.58
C GLN A 135 21.91 19.69 -0.54
N ASN A 136 20.96 18.81 -0.27
CA ASN A 136 19.91 19.07 0.70
C ASN A 136 19.87 17.99 1.78
N ALA A 137 21.02 17.35 1.98
CA ALA A 137 21.13 16.23 2.91
C ALA A 137 20.76 16.64 4.32
N ALA A 138 21.30 17.77 4.78
CA ALA A 138 21.00 18.22 6.14
C ALA A 138 19.51 18.49 6.28
N THR A 139 18.89 19.05 5.26
CA THR A 139 17.46 19.30 5.31
C THR A 139 16.66 18.00 5.43
N LEU A 140 17.11 16.98 4.71
CA LEU A 140 16.47 15.66 4.75
C LEU A 140 16.73 14.94 6.08
N GLY A 141 17.77 15.34 6.79
CA GLY A 141 18.15 14.69 8.03
C GLY A 141 19.02 13.47 7.81
N VAL A 142 19.78 13.44 6.71
CA VAL A 142 20.60 12.27 6.39
C VAL A 142 22.05 12.67 6.18
N ASP A 143 22.93 11.67 6.11
CA ASP A 143 24.36 11.91 5.93
C ASP A 143 24.72 11.84 4.46
N GLY A 144 24.91 12.99 3.84
CA GLY A 144 25.16 13.08 2.41
C GLY A 144 26.49 12.53 1.95
N ASP A 145 27.36 12.23 2.92
CA ASP A 145 28.66 11.64 2.60
C ASP A 145 28.62 10.13 2.63
N ARG A 146 27.48 9.57 3.01
CA ARG A 146 27.27 8.12 2.95
C ARG A 146 26.07 7.85 2.07
N LEU A 147 26.34 7.81 0.77
CA LEU A 147 25.32 7.86 -0.27
C LEU A 147 25.38 6.64 -1.18
N ALA A 148 24.21 6.09 -1.50
CA ALA A 148 24.11 4.99 -2.45
C ALA A 148 23.00 5.26 -3.46
N VAL A 149 23.02 4.53 -4.57
CA VAL A 149 21.87 4.47 -5.46
C VAL A 149 21.40 3.03 -5.57
N GLY A 150 20.14 2.85 -5.94
CA GLY A 150 19.58 1.52 -6.08
C GLY A 150 18.33 1.59 -6.92
N GLY A 151 17.91 0.44 -7.47
CA GLY A 151 16.71 0.41 -8.27
C GLY A 151 16.46 -1.00 -8.76
N ASP A 152 15.23 -1.25 -9.17
CA ASP A 152 14.86 -2.57 -9.69
C ASP A 152 14.43 -2.46 -11.14
N SER A 153 14.85 -3.44 -11.94
CA SER A 153 14.46 -3.52 -13.34
C SER A 153 14.96 -2.29 -14.11
N ALA A 154 14.08 -1.51 -14.75
CA ALA A 154 14.51 -0.27 -15.40
C ALA A 154 15.05 0.73 -14.39
N GLY A 155 14.58 0.62 -13.15
CA GLY A 155 15.12 1.43 -12.07
C GLY A 155 16.56 1.07 -11.75
N GLY A 156 16.88 -0.21 -11.88
CA GLY A 156 18.26 -0.67 -11.72
C GLY A 156 19.10 -0.20 -12.89
N ASN A 157 18.49 -0.14 -14.06
CA ASN A 157 19.13 0.45 -15.24
C ASN A 157 19.47 1.91 -14.96
N LEU A 158 18.51 2.64 -14.41
CA LEU A 158 18.72 4.04 -14.08
C LEU A 158 19.77 4.23 -12.99
N ALA A 159 19.77 3.36 -11.98
CA ALA A 159 20.77 3.43 -10.92
C ALA A 159 22.18 3.23 -11.48
N ALA A 160 22.31 2.24 -12.36
CA ALA A 160 23.58 1.98 -13.02
C ALA A 160 24.03 3.18 -13.84
N ALA A 161 23.11 3.77 -14.59
CA ALA A 161 23.44 4.94 -15.41
C ALA A 161 23.83 6.14 -14.55
N VAL A 162 23.16 6.30 -13.42
CA VAL A 162 23.48 7.39 -12.50
C VAL A 162 24.87 7.18 -11.87
N ALA A 163 25.22 5.93 -11.59
CA ALA A 163 26.54 5.64 -11.04
C ALA A 163 27.62 6.04 -12.05
N ILE A 164 27.34 5.82 -13.33
CA ILE A 164 28.25 6.19 -14.41
C ILE A 164 28.28 7.70 -14.60
N MET A 165 27.12 8.34 -14.58
CA MET A 165 27.04 9.78 -14.67
C MET A 165 27.78 10.45 -13.53
N ALA A 166 27.64 9.91 -12.32
CA ALA A 166 28.27 10.51 -11.14
C ALA A 166 29.80 10.40 -11.22
N ARG A 167 30.31 9.27 -11.68
CA ARG A 167 31.75 9.13 -11.95
C ARG A 167 32.18 10.15 -13.00
N ASP A 168 31.59 10.04 -14.19
CA ASP A 168 31.95 10.89 -15.33
C ASP A 168 31.87 12.40 -15.05
N ARG A 169 30.94 12.80 -14.19
CA ARG A 169 30.68 14.23 -13.97
C ARG A 169 31.28 14.75 -12.68
N ASN A 170 32.09 13.93 -12.01
CA ASN A 170 32.60 14.24 -10.68
C ASN A 170 31.48 14.57 -9.72
N GLY A 171 30.36 13.84 -9.87
CA GLY A 171 29.17 14.06 -9.06
C GLY A 171 29.39 13.59 -7.65
N PRO A 172 28.29 13.47 -6.88
CA PRO A 172 28.39 13.04 -5.48
C PRO A 172 29.06 11.67 -5.39
N ALA A 173 29.99 11.53 -4.45
CA ALA A 173 30.65 10.25 -4.21
C ALA A 173 29.63 9.20 -3.78
N LEU A 174 29.73 8.01 -4.35
CA LEU A 174 28.80 6.92 -4.02
C LEU A 174 29.52 5.73 -3.40
N ARG A 175 28.93 5.17 -2.34
CA ARG A 175 29.52 4.06 -1.62
C ARG A 175 29.01 2.73 -2.16
N HIS A 176 27.89 2.76 -2.88
CA HIS A 176 27.26 1.52 -3.34
C HIS A 176 26.24 1.76 -4.45
N GLN A 177 26.07 0.76 -5.31
CA GLN A 177 24.94 0.74 -6.24
C GLN A 177 24.27 -0.62 -6.12
N LEU A 178 23.00 -0.60 -5.74
CA LEU A 178 22.22 -1.82 -5.56
C LEU A 178 21.39 -2.05 -6.83
N LEU A 179 21.78 -3.03 -7.65
CA LEU A 179 21.10 -3.25 -8.92
C LEU A 179 20.27 -4.53 -8.84
N ILE A 180 18.95 -4.36 -8.80
CA ILE A 180 18.04 -5.48 -8.57
C ILE A 180 17.42 -5.85 -9.90
N TYR A 181 17.71 -7.08 -10.38
CA TYR A 181 17.39 -7.55 -11.73
C TYR A 181 17.27 -6.43 -12.77
N PRO A 182 18.40 -5.75 -13.03
CA PRO A 182 18.45 -4.57 -13.89
C PRO A 182 18.30 -4.90 -15.36
N VAL A 183 17.72 -3.96 -16.12
CA VAL A 183 17.83 -3.94 -17.57
C VAL A 183 19.21 -3.39 -17.92
N THR A 184 19.98 -4.08 -18.76
CA THR A 184 21.31 -3.54 -19.11
C THR A 184 21.58 -3.44 -20.61
N ASP A 185 20.74 -4.09 -21.43
CA ASP A 185 21.00 -4.19 -22.86
C ASP A 185 19.73 -4.50 -23.66
N ASN A 186 19.79 -4.38 -24.97
CA ASN A 186 18.60 -4.63 -25.77
C ASN A 186 18.80 -5.74 -26.81
N ASP A 187 19.61 -6.71 -26.45
CA ASP A 187 19.81 -7.92 -27.26
C ASP A 187 18.81 -8.98 -26.80
N PHE A 188 17.74 -9.16 -27.56
CA PHE A 188 16.67 -10.05 -27.16
C PHE A 188 16.87 -11.49 -27.64
N THR A 189 18.07 -11.81 -28.08
CA THR A 189 18.36 -13.16 -28.59
C THR A 189 19.06 -14.04 -27.57
N LEU A 190 19.32 -13.49 -26.38
CA LEU A 190 20.00 -14.26 -25.33
C LEU A 190 19.18 -15.46 -24.90
N ALA A 191 19.87 -16.47 -24.36
CA ALA A 191 19.24 -17.68 -23.87
C ALA A 191 18.15 -17.37 -22.85
N SER A 192 18.39 -16.37 -22.02
CA SER A 192 17.43 -15.93 -21.01
C SER A 192 16.08 -15.56 -21.59
N TYR A 193 16.10 -14.91 -22.75
CA TYR A 193 14.87 -14.46 -23.38
C TYR A 193 14.08 -15.64 -23.93
N ALA A 194 14.78 -16.64 -24.44
CA ALA A 194 14.14 -17.85 -24.94
C ALA A 194 13.49 -18.62 -23.80
N GLU A 195 14.31 -18.92 -22.80
CA GLU A 195 13.90 -19.71 -21.65
C GLU A 195 12.78 -19.05 -20.87
N ASN A 196 12.92 -17.74 -20.62
CA ASN A 196 12.09 -17.05 -19.62
C ASN A 196 11.17 -15.94 -20.15
N GLY A 197 11.32 -15.56 -21.42
CA GLY A 197 10.60 -14.42 -21.96
C GLY A 197 9.25 -14.61 -22.62
N GLY A 198 8.70 -15.82 -22.56
CA GLY A 198 7.43 -16.10 -23.24
C GLY A 198 6.17 -15.48 -22.67
N GLY A 199 6.23 -15.00 -21.43
CA GLY A 199 5.10 -14.39 -20.78
C GLY A 199 4.67 -15.17 -19.57
N GLU A 200 5.23 -16.37 -19.41
CA GLU A 200 4.80 -17.25 -18.33
C GLU A 200 5.43 -16.87 -16.99
N TYR A 201 6.43 -15.99 -17.02
CA TYR A 201 7.04 -15.51 -15.77
C TYR A 201 6.88 -13.99 -15.63
N TYR A 202 5.69 -13.49 -15.95
CA TYR A 202 5.32 -12.08 -15.74
C TYR A 202 5.95 -11.17 -16.81
N LEU A 203 7.24 -10.91 -16.72
CA LEU A 203 7.89 -10.08 -17.73
C LEU A 203 8.16 -10.89 -19.01
N SER A 204 7.80 -10.33 -20.16
CA SER A 204 8.02 -11.00 -21.44
C SER A 204 9.01 -10.27 -22.34
N THR A 205 9.50 -10.95 -23.36
CA THR A 205 10.39 -10.33 -24.32
C THR A 205 9.68 -9.23 -25.08
N ASP A 206 8.42 -9.48 -25.44
CA ASP A 206 7.61 -8.49 -26.13
C ASP A 206 7.43 -7.24 -25.26
N GLY A 207 7.23 -7.47 -23.96
CA GLY A 207 7.17 -6.37 -23.02
C GLY A 207 8.41 -5.49 -23.12
N MET A 208 9.57 -6.11 -23.04
CA MET A 208 10.82 -5.36 -23.10
C MET A 208 11.00 -4.61 -24.43
N ARG A 209 10.54 -5.20 -25.54
CA ARG A 209 10.64 -4.49 -26.83
C ARG A 209 9.80 -3.22 -26.77
N TRP A 210 8.63 -3.33 -26.17
CA TRP A 210 7.68 -2.22 -26.02
C TRP A 210 8.31 -1.12 -25.17
N PHE A 211 8.86 -1.51 -24.02
CA PHE A 211 9.53 -0.57 -23.13
C PHE A 211 10.69 0.16 -23.81
N TRP A 212 11.61 -0.60 -24.42
CA TRP A 212 12.75 -0.02 -25.12
C TRP A 212 12.30 0.93 -26.23
N GLY A 213 11.23 0.56 -26.92
CA GLY A 213 10.69 1.38 -27.99
C GLY A 213 10.26 2.75 -27.52
N HIS A 214 9.52 2.78 -26.41
CA HIS A 214 9.02 4.03 -25.86
C HIS A 214 10.14 4.86 -25.26
N TYR A 215 11.08 4.21 -24.59
CA TYR A 215 12.19 4.92 -23.93
C TYR A 215 13.05 5.65 -24.97
N LEU A 216 13.44 4.91 -26.00
CA LEU A 216 14.40 5.44 -26.98
C LEU A 216 13.75 6.24 -28.10
N GLY A 217 12.51 5.91 -28.43
CA GLY A 217 11.84 6.53 -29.55
C GLY A 217 12.62 6.26 -30.82
N ASP A 218 12.98 7.33 -31.53
CA ASP A 218 13.75 7.20 -32.76
C ASP A 218 15.26 7.27 -32.53
N THR A 219 15.66 7.43 -31.27
CA THR A 219 17.08 7.41 -30.94
C THR A 219 17.60 5.99 -30.99
N ALA A 220 18.58 5.75 -31.87
CA ALA A 220 19.19 4.43 -31.97
C ALA A 220 19.96 4.11 -30.69
N ALA A 221 19.90 2.86 -30.26
CA ALA A 221 20.46 2.43 -28.97
C ALA A 221 21.96 2.69 -28.86
N GLU A 222 22.63 2.78 -30.00
CA GLU A 222 24.07 3.03 -29.99
C GLU A 222 24.33 4.50 -29.73
N ASN A 223 23.34 5.35 -30.01
CA ASN A 223 23.44 6.77 -29.70
C ASN A 223 22.72 7.12 -28.40
N ALA A 224 22.49 6.12 -27.57
CA ALA A 224 21.93 6.32 -26.24
C ALA A 224 22.77 5.54 -25.24
N PRO A 225 24.00 5.99 -25.01
CA PRO A 225 25.02 5.23 -24.27
C PRO A 225 24.66 4.94 -22.80
N LEU A 226 23.77 5.72 -22.22
CA LEU A 226 23.41 5.47 -20.83
C LEU A 226 22.13 4.65 -20.75
N ALA A 227 21.68 4.13 -21.89
CA ALA A 227 20.53 3.22 -21.91
C ALA A 227 21.03 1.77 -21.82
N ALA A 228 21.72 1.30 -22.86
CA ALA A 228 22.32 -0.02 -22.80
C ALA A 228 23.67 0.07 -22.12
N VAL A 229 23.65 0.13 -20.79
CA VAL A 229 24.86 0.39 -20.02
C VAL A 229 25.86 -0.75 -20.14
N LEU A 230 25.39 -1.92 -20.56
CA LEU A 230 26.29 -3.05 -20.79
C LEU A 230 27.33 -2.71 -21.85
N ASN A 231 26.94 -1.92 -22.84
CA ASN A 231 27.80 -1.59 -23.96
C ASN A 231 28.85 -0.51 -23.66
N VAL A 232 28.77 0.11 -22.48
CA VAL A 232 29.79 1.08 -22.06
C VAL A 232 31.13 0.37 -21.93
N ALA A 233 32.16 0.93 -22.58
CA ALA A 233 33.44 0.25 -22.67
C ALA A 233 34.17 0.19 -21.32
N ASP A 234 34.17 1.31 -20.61
CA ASP A 234 34.98 1.42 -19.40
C ASP A 234 34.13 1.57 -18.15
N LEU A 235 34.06 0.51 -17.34
CA LEU A 235 33.25 0.52 -16.12
C LEU A 235 34.11 0.67 -14.88
N SER A 236 35.39 1.01 -15.08
CA SER A 236 36.30 1.15 -13.96
C SER A 236 35.95 2.38 -13.13
N GLY A 237 36.18 2.30 -11.83
CA GLY A 237 35.99 3.43 -10.94
C GLY A 237 34.56 3.68 -10.49
N LEU A 238 33.65 2.76 -10.81
CA LEU A 238 32.25 2.87 -10.38
C LEU A 238 32.05 2.42 -8.95
N ALA A 239 30.93 2.82 -8.36
CA ALA A 239 30.61 2.43 -7.00
C ALA A 239 30.55 0.92 -6.87
N PRO A 240 31.05 0.37 -5.75
CA PRO A 240 30.89 -1.04 -5.42
C PRO A 240 29.44 -1.50 -5.63
N ALA A 241 29.24 -2.68 -6.20
CA ALA A 241 27.90 -3.02 -6.66
C ALA A 241 27.35 -4.30 -6.05
N THR A 242 26.03 -4.34 -5.93
CA THR A 242 25.29 -5.58 -5.69
C THR A 242 24.45 -5.82 -6.93
N VAL A 243 24.54 -7.00 -7.52
CA VAL A 243 23.75 -7.31 -8.70
C VAL A 243 22.99 -8.61 -8.46
N ILE A 244 21.70 -8.50 -8.19
CA ILE A 244 20.89 -9.68 -7.92
C ILE A 244 19.98 -9.96 -9.11
N THR A 245 20.16 -11.13 -9.71
CA THR A 245 19.33 -11.53 -10.84
C THR A 245 18.38 -12.63 -10.39
N ALA A 246 17.42 -12.97 -11.23
CA ALA A 246 16.45 -14.01 -10.89
C ALA A 246 16.53 -15.12 -11.92
N GLU A 247 16.42 -16.37 -11.46
CA GLU A 247 16.60 -17.53 -12.33
C GLU A 247 15.67 -17.51 -13.53
N TYR A 248 14.41 -17.15 -13.31
CA TYR A 248 13.40 -17.24 -14.35
C TYR A 248 13.03 -15.88 -14.93
N ASP A 249 14.00 -14.98 -14.98
CA ASP A 249 13.88 -13.63 -15.53
C ASP A 249 14.50 -13.59 -16.93
N PRO A 250 13.77 -13.10 -17.95
CA PRO A 250 14.44 -12.96 -19.25
C PRO A 250 15.65 -12.01 -19.23
N LEU A 251 15.67 -11.10 -18.26
CA LEU A 251 16.78 -10.16 -18.10
C LEU A 251 17.97 -10.80 -17.39
N ARG A 252 17.83 -12.06 -17.01
CA ARG A 252 18.86 -12.70 -16.20
C ARG A 252 20.27 -12.65 -16.83
N ASP A 253 20.36 -12.96 -18.11
CA ASP A 253 21.68 -13.11 -18.71
C ASP A 253 22.40 -11.76 -18.82
N GLU A 254 21.68 -10.71 -19.17
CA GLU A 254 22.31 -9.40 -19.34
C GLU A 254 22.70 -8.79 -18.00
N GLY A 255 21.98 -9.16 -16.93
CA GLY A 255 22.34 -8.74 -15.59
C GLY A 255 23.61 -9.43 -15.11
N ILE A 256 23.71 -10.73 -15.39
CA ILE A 256 24.91 -11.47 -15.05
C ILE A 256 26.11 -10.88 -15.77
N ALA A 257 25.90 -10.56 -17.05
CA ALA A 257 26.93 -10.01 -17.90
C ALA A 257 27.43 -8.66 -17.41
N TYR A 258 26.50 -7.81 -16.95
CA TYR A 258 26.90 -6.51 -16.43
C TYR A 258 27.72 -6.68 -15.18
N ALA A 259 27.33 -7.62 -14.32
CA ALA A 259 28.10 -7.90 -13.10
C ALA A 259 29.50 -8.39 -13.42
N LYS A 260 29.63 -9.27 -14.41
CA LYS A 260 30.95 -9.75 -14.83
C LYS A 260 31.82 -8.61 -15.37
N LYS A 261 31.23 -7.76 -16.20
CA LYS A 261 31.97 -6.63 -16.78
C LYS A 261 32.41 -5.62 -15.71
N LEU A 262 31.60 -5.44 -14.67
CA LEU A 262 31.98 -4.56 -13.55
C LEU A 262 33.15 -5.14 -12.78
N ASP A 263 33.05 -6.43 -12.44
CA ASP A 263 34.10 -7.09 -11.68
C ASP A 263 35.42 -7.13 -12.46
N ALA A 264 35.30 -7.26 -13.79
CA ALA A 264 36.46 -7.28 -14.67
C ALA A 264 37.16 -5.93 -14.67
N ALA A 265 36.38 -4.87 -14.51
CA ALA A 265 36.90 -3.52 -14.52
C ALA A 265 37.42 -3.12 -13.15
N GLY A 266 37.47 -4.07 -12.23
CA GLY A 266 38.00 -3.83 -10.90
C GLY A 266 37.00 -3.35 -9.86
N VAL A 267 35.73 -3.25 -10.24
CA VAL A 267 34.68 -2.84 -9.29
C VAL A 267 34.33 -4.02 -8.39
N PRO A 268 34.36 -3.81 -7.06
CA PRO A 268 33.91 -4.85 -6.12
C PRO A 268 32.44 -5.17 -6.37
N VAL A 269 32.12 -6.43 -6.63
CA VAL A 269 30.73 -6.82 -6.92
C VAL A 269 30.30 -8.02 -6.09
N ASP A 270 29.10 -7.92 -5.51
CA ASP A 270 28.42 -9.10 -5.00
C ASP A 270 27.31 -9.46 -5.97
N ALA A 271 27.46 -10.56 -6.68
CA ALA A 271 26.49 -10.93 -7.68
C ALA A 271 25.99 -12.35 -7.44
N ALA A 272 24.68 -12.53 -7.59
CA ALA A 272 24.05 -13.82 -7.38
C ALA A 272 22.76 -13.88 -8.15
N THR A 273 22.42 -15.07 -8.63
CA THR A 273 21.13 -15.29 -9.25
C THR A 273 20.26 -16.04 -8.26
N ALA A 274 19.09 -15.48 -7.95
CA ALA A 274 18.20 -16.09 -6.98
C ALA A 274 17.47 -17.28 -7.58
N PRO A 275 17.70 -18.48 -7.04
CA PRO A 275 17.07 -19.70 -7.54
C PRO A 275 15.56 -19.66 -7.41
N GLY A 276 14.84 -20.06 -8.45
CA GLY A 276 13.40 -20.25 -8.36
C GLY A 276 12.58 -18.98 -8.50
N MET A 277 13.26 -17.84 -8.60
CA MET A 277 12.58 -16.56 -8.59
C MET A 277 12.29 -16.00 -9.98
N ILE A 278 11.30 -15.12 -10.06
CA ILE A 278 10.99 -14.43 -11.31
C ILE A 278 11.35 -12.97 -11.22
N HIS A 279 11.32 -12.29 -12.36
CA HIS A 279 11.43 -10.83 -12.40
C HIS A 279 10.44 -10.20 -11.43
N GLY A 280 10.90 -9.21 -10.67
CA GLY A 280 10.00 -8.50 -9.79
C GLY A 280 9.88 -9.04 -8.38
N PHE A 281 10.62 -10.09 -8.04
CA PHE A 281 10.35 -10.78 -6.77
C PHE A 281 10.70 -9.98 -5.50
N PHE A 282 11.49 -8.91 -5.62
CA PHE A 282 11.75 -8.06 -4.46
C PHE A 282 10.47 -7.40 -4.01
N SER A 283 9.56 -7.17 -4.95
CA SER A 283 8.29 -6.53 -4.61
C SER A 283 7.21 -7.54 -4.22
N MET A 284 7.55 -8.82 -4.23
CA MET A 284 6.54 -9.86 -4.00
C MET A 284 6.68 -10.54 -2.64
N PHE A 285 7.38 -9.88 -1.72
CA PHE A 285 7.71 -10.49 -0.42
C PHE A 285 6.49 -10.88 0.43
N GLU A 286 5.34 -10.25 0.19
CA GLU A 286 4.15 -10.62 0.94
C GLU A 286 3.62 -12.00 0.54
N ALA A 287 3.72 -12.35 -0.74
CA ALA A 287 3.26 -13.65 -1.23
C ALA A 287 4.40 -14.65 -1.29
N VAL A 288 5.63 -14.15 -1.27
CA VAL A 288 6.81 -14.97 -1.45
C VAL A 288 7.82 -14.69 -0.35
N PRO A 289 7.67 -15.36 0.80
CA PRO A 289 8.52 -15.09 1.97
C PRO A 289 10.00 -15.27 1.69
N ASP A 290 10.32 -16.11 0.71
CA ASP A 290 11.70 -16.35 0.33
C ASP A 290 12.39 -15.07 -0.20
N SER A 291 11.60 -14.13 -0.70
CA SER A 291 12.15 -12.88 -1.20
C SER A 291 12.93 -12.14 -0.12
N TRP A 292 12.49 -12.28 1.12
CA TRP A 292 13.14 -11.56 2.22
C TRP A 292 14.61 -11.91 2.35
N GLU A 293 14.98 -13.15 2.03
CA GLU A 293 16.38 -13.57 2.12
C GLU A 293 17.25 -12.70 1.24
N TRP A 294 16.73 -12.38 0.04
CA TRP A 294 17.45 -11.62 -0.95
C TRP A 294 17.39 -10.12 -0.70
N ILE A 295 16.26 -9.65 -0.15
CA ILE A 295 16.17 -8.26 0.31
C ILE A 295 17.22 -8.04 1.39
N GLU A 296 17.33 -8.98 2.33
CA GLU A 296 18.32 -8.90 3.41
C GLU A 296 19.75 -8.94 2.88
N ARG A 297 19.99 -9.73 1.83
CA ARG A 297 21.33 -9.79 1.25
C ARG A 297 21.73 -8.45 0.66
N GLY A 298 20.85 -7.84 -0.12
CA GLY A 298 21.13 -6.53 -0.69
C GLY A 298 21.25 -5.49 0.41
N ALA A 299 20.36 -5.57 1.40
CA ALA A 299 20.36 -4.60 2.49
C ALA A 299 21.64 -4.68 3.30
N SER A 300 22.13 -5.91 3.50
CA SER A 300 23.33 -6.13 4.31
C SER A 300 24.57 -5.58 3.60
N ASN A 301 24.57 -5.61 2.27
CA ASN A 301 25.66 -5.01 1.49
C ASN A 301 25.62 -3.49 1.59
N LEU A 302 24.42 -2.93 1.56
CA LEU A 302 24.25 -1.48 1.78
C LEU A 302 24.76 -1.09 3.14
N LYS A 303 24.27 -1.79 4.16
CA LYS A 303 24.67 -1.55 5.55
C LYS A 303 26.20 -1.62 5.72
N ARG A 304 26.84 -2.59 5.09
CA ARG A 304 28.29 -2.72 5.19
C ARG A 304 29.04 -1.55 4.55
N ASP A 305 28.67 -1.22 3.31
CA ASP A 305 29.40 -0.23 2.52
C ASP A 305 29.05 1.22 2.90
N LEU A 306 27.96 1.40 3.65
CA LEU A 306 27.53 2.76 4.01
C LEU A 306 27.85 3.09 5.46
N ALA A 307 28.65 2.27 6.11
CA ALA A 307 28.96 2.47 7.52
C ALA A 307 29.85 3.70 7.73
N LEU A 308 29.79 4.28 8.92
CA LEU A 308 30.61 5.43 9.27
C LEU A 308 32.10 5.07 9.27
N GLU A 309 32.90 5.93 8.66
CA GLU A 309 34.33 5.70 8.58
C GLU A 309 35.05 6.18 9.84
N PRO B 2 13.83 -25.66 -8.78
CA PRO B 2 12.53 -25.52 -9.45
C PRO B 2 11.95 -24.13 -9.23
N LEU B 3 10.91 -23.80 -10.01
CA LEU B 3 10.21 -22.55 -9.82
C LEU B 3 9.68 -22.52 -8.39
N ASN B 4 9.94 -21.42 -7.67
CA ASN B 4 9.49 -21.30 -6.30
C ASN B 4 7.98 -21.50 -6.19
N PRO B 5 7.54 -22.38 -5.28
CA PRO B 5 6.13 -22.76 -5.17
C PRO B 5 5.22 -21.59 -4.83
N HIS B 6 5.70 -20.67 -3.99
CA HIS B 6 4.93 -19.48 -3.68
C HIS B 6 4.85 -18.59 -4.92
N VAL B 7 5.93 -18.54 -5.68
CA VAL B 7 5.93 -17.76 -6.92
C VAL B 7 4.94 -18.35 -7.92
N GLU B 8 4.94 -19.67 -8.03
CA GLU B 8 4.02 -20.36 -8.93
C GLU B 8 2.56 -20.05 -8.57
N ALA B 9 2.25 -20.02 -7.29
CA ALA B 9 0.89 -19.68 -6.84
C ALA B 9 0.53 -18.24 -7.18
N LEU B 10 1.50 -17.34 -7.05
CA LEU B 10 1.28 -15.95 -7.41
C LEU B 10 1.06 -15.79 -8.92
N LEU B 11 1.81 -16.56 -9.71
CA LEU B 11 1.66 -16.53 -11.17
C LEU B 11 0.29 -17.04 -11.62
N GLN B 12 -0.20 -18.08 -10.95
CA GLN B 12 -1.55 -18.60 -11.23
C GLN B 12 -2.61 -17.55 -10.94
N MET B 13 -2.41 -16.83 -9.83
CA MET B 13 -3.27 -15.74 -9.44
C MET B 13 -3.24 -14.64 -10.50
N MET B 14 -2.02 -14.37 -10.99
CA MET B 14 -1.81 -13.40 -12.06
C MET B 14 -2.39 -13.88 -13.39
N ALA B 15 -2.52 -15.19 -13.57
CA ALA B 15 -3.03 -15.71 -14.83
C ALA B 15 -4.54 -15.57 -14.93
N GLN B 16 -5.14 -14.80 -14.02
CA GLN B 16 -6.58 -14.57 -14.03
C GLN B 16 -6.91 -13.07 -13.97
N MET B 17 -6.53 -12.34 -15.02
CA MET B 17 -6.57 -10.88 -15.02
C MET B 17 -6.01 -10.34 -16.37
N PRO B 18 -5.90 -9.00 -16.56
CA PRO B 18 -5.50 -8.54 -17.91
C PRO B 18 -4.15 -9.05 -18.45
N ALA B 19 -4.16 -9.42 -19.73
CA ALA B 19 -2.93 -9.70 -20.46
C ALA B 19 -2.55 -8.47 -21.27
N PRO B 20 -1.41 -7.84 -20.94
CA PRO B 20 -0.97 -6.60 -21.59
C PRO B 20 -0.87 -6.73 -23.11
N ASP B 21 -1.37 -5.73 -23.82
CA ASP B 21 -1.34 -5.75 -25.28
C ASP B 21 -0.23 -4.83 -25.79
N PHE B 22 0.88 -5.44 -26.21
CA PHE B 22 2.06 -4.71 -26.65
C PHE B 22 2.06 -4.45 -28.15
N SER B 23 0.91 -4.70 -28.78
CA SER B 23 0.69 -4.36 -30.18
C SER B 23 0.04 -2.98 -30.26
N VAL B 24 -0.25 -2.40 -29.09
CA VAL B 24 -0.81 -1.06 -29.00
C VAL B 24 0.04 -0.16 -28.09
N ALA B 25 0.65 0.86 -28.68
CA ALA B 25 1.42 1.84 -27.92
C ALA B 25 0.50 2.79 -27.16
N ASN B 26 -0.08 2.29 -26.06
CA ASN B 26 -1.11 3.01 -25.33
C ASN B 26 -0.72 3.20 -23.86
N PRO B 27 0.31 4.00 -23.61
CA PRO B 27 0.98 4.06 -22.30
C PRO B 27 0.02 4.31 -21.14
N ALA B 28 -0.91 5.25 -21.30
CA ALA B 28 -1.82 5.62 -20.23
C ALA B 28 -2.76 4.48 -19.82
N GLU B 29 -2.89 3.48 -20.68
CA GLU B 29 -3.74 2.33 -20.39
C GLU B 29 -3.00 1.29 -19.55
N ILE B 30 -1.84 0.84 -20.07
CA ILE B 30 -1.03 -0.15 -19.37
C ILE B 30 -0.59 0.42 -18.02
N ARG B 31 -0.49 1.75 -17.96
CA ARG B 31 -0.20 2.45 -16.71
C ARG B 31 -1.30 2.24 -15.69
N ALA B 32 -2.53 2.61 -16.09
CA ALA B 32 -3.68 2.55 -15.19
C ALA B 32 -3.91 1.14 -14.70
N VAL B 33 -3.53 0.17 -15.53
CA VAL B 33 -3.65 -1.22 -15.16
C VAL B 33 -2.54 -1.60 -14.18
N PHE B 34 -1.28 -1.54 -14.62
CA PHE B 34 -0.15 -1.93 -13.77
C PHE B 34 -0.13 -1.17 -12.46
N ASP B 35 -0.32 0.15 -12.53
CA ASP B 35 -0.08 0.97 -11.35
C ASP B 35 -1.14 0.67 -10.30
N ASN B 36 -2.25 0.07 -10.72
CA ASN B 36 -3.37 -0.22 -9.81
C ASN B 36 -3.54 -1.67 -9.43
N LEU B 37 -2.59 -2.52 -9.82
CA LEU B 37 -2.60 -3.88 -9.34
C LEU B 37 -1.43 -4.09 -8.38
N ALA B 38 -1.69 -4.85 -7.31
CA ALA B 38 -0.70 -5.07 -6.24
C ALA B 38 -0.11 -3.78 -5.67
N ALA B 39 -0.89 -2.70 -5.63
CA ALA B 39 -0.42 -1.44 -5.10
C ALA B 39 -1.57 -0.63 -4.50
N PRO B 40 -1.34 -0.03 -3.32
CA PRO B 40 -2.35 0.82 -2.71
C PRO B 40 -2.74 1.95 -3.66
N PRO B 41 -4.03 2.30 -3.71
CA PRO B 41 -4.54 3.33 -4.61
C PRO B 41 -3.86 4.68 -4.37
N GLN B 42 -3.55 5.39 -5.45
CA GLN B 42 -2.93 6.70 -5.35
C GLN B 42 -3.92 7.76 -4.81
N VAL B 43 -3.45 8.60 -3.90
CA VAL B 43 -4.23 9.78 -3.48
C VAL B 43 -3.31 10.99 -3.54
N ALA B 44 -3.89 12.18 -3.55
CA ALA B 44 -3.09 13.41 -3.73
C ALA B 44 -2.25 13.78 -2.51
N ARG B 45 -2.86 13.71 -1.34
CA ARG B 45 -2.20 14.08 -0.10
C ARG B 45 -2.50 13.05 0.98
N VAL B 46 -1.48 12.66 1.73
CA VAL B 46 -1.66 11.86 2.93
C VAL B 46 -0.88 12.52 4.03
N GLU B 47 -1.53 12.78 5.16
CA GLU B 47 -0.86 13.47 6.26
C GLU B 47 -1.15 12.79 7.57
N ASN B 48 -0.10 12.53 8.34
CA ASN B 48 -0.27 12.02 9.69
C ASN B 48 -0.50 13.18 10.62
N ILE B 49 -1.55 13.10 11.41
CA ILE B 49 -1.82 14.17 12.36
C ILE B 49 -2.11 13.61 13.73
N ALA B 50 -1.95 14.46 14.73
CA ALA B 50 -2.26 14.10 16.10
C ALA B 50 -3.48 14.88 16.53
N ILE B 51 -4.41 14.18 17.15
CA ILE B 51 -5.64 14.77 17.64
C ILE B 51 -5.57 14.89 19.15
N SER B 52 -5.67 16.09 19.69
CA SER B 52 -5.63 16.21 21.14
C SER B 52 -7.02 16.36 21.71
N LEU B 53 -7.42 15.36 22.46
CA LEU B 53 -8.71 15.32 23.12
C LEU B 53 -8.54 15.54 24.61
N ASP B 54 -9.65 15.61 25.35
CA ASP B 54 -9.56 15.71 26.80
C ASP B 54 -9.02 14.42 27.37
N GLY B 55 -7.83 14.50 27.95
CA GLY B 55 -7.23 13.36 28.60
C GLY B 55 -6.42 12.36 27.78
N ARG B 56 -6.38 12.54 26.46
CA ARG B 56 -5.57 11.64 25.61
C ARG B 56 -5.36 12.24 24.23
N ASP B 57 -4.26 11.85 23.59
CA ASP B 57 -3.99 12.21 22.20
C ASP B 57 -4.17 10.99 21.33
N LEU B 58 -4.76 11.16 20.15
CA LEU B 58 -4.88 10.04 19.22
C LEU B 58 -4.13 10.34 17.95
N ASP B 59 -3.50 9.31 17.39
CA ASP B 59 -2.96 9.40 16.04
C ASP B 59 -4.10 9.32 15.03
N ALA B 60 -3.98 10.08 13.94
CA ALA B 60 -4.92 9.97 12.83
C ALA B 60 -4.18 10.15 11.52
N ARG B 61 -4.82 9.80 10.40
CA ARG B 61 -4.21 9.95 9.09
C ARG B 61 -5.26 10.51 8.13
N LEU B 62 -4.93 11.63 7.50
CA LEU B 62 -5.85 12.28 6.57
C LEU B 62 -5.51 11.92 5.13
N TYR B 63 -6.52 11.50 4.37
CA TYR B 63 -6.35 11.18 2.96
C TYR B 63 -7.15 12.16 2.14
N VAL B 64 -6.51 12.83 1.19
CA VAL B 64 -7.24 13.72 0.28
C VAL B 64 -7.01 13.24 -1.14
N PRO B 65 -8.08 12.79 -1.82
CA PRO B 65 -7.96 12.22 -3.15
C PRO B 65 -7.75 13.26 -4.23
N GLU B 66 -7.29 12.79 -5.39
CA GLU B 66 -6.93 13.64 -6.51
C GLU B 66 -7.98 14.69 -6.87
N ASP B 67 -9.21 14.26 -7.11
CA ASP B 67 -10.21 15.18 -7.64
C ASP B 67 -11.21 15.64 -6.60
N ALA B 68 -10.76 15.78 -5.36
CA ALA B 68 -11.62 16.28 -4.30
C ALA B 68 -11.86 17.77 -4.49
N ASP B 69 -12.98 18.26 -3.95
CA ASP B 69 -13.29 19.70 -3.91
C ASP B 69 -12.19 20.49 -3.19
N GLU B 70 -12.13 21.80 -3.43
CA GLU B 70 -11.14 22.64 -2.76
C GLU B 70 -11.31 22.57 -1.25
N ARG B 71 -12.54 22.36 -0.81
CA ARG B 71 -12.85 22.20 0.61
C ARG B 71 -13.67 20.92 0.72
N PRO B 72 -12.99 19.77 0.72
CA PRO B 72 -13.69 18.49 0.49
C PRO B 72 -14.56 18.04 1.65
N ALA B 73 -15.56 17.24 1.33
CA ALA B 73 -16.36 16.58 2.35
C ALA B 73 -15.43 15.61 3.07
N LEU B 74 -15.79 15.21 4.28
CA LEU B 74 -14.92 14.35 5.07
C LEU B 74 -15.65 13.15 5.65
N MET B 75 -15.09 11.95 5.44
CA MET B 75 -15.56 10.79 6.20
C MET B 75 -14.55 10.50 7.30
N VAL B 76 -15.01 10.45 8.53
CA VAL B 76 -14.15 10.00 9.64
C VAL B 76 -14.26 8.48 9.68
N TYR B 77 -13.11 7.80 9.62
CA TYR B 77 -13.09 6.34 9.43
C TYR B 77 -12.49 5.63 10.62
N TYR B 78 -13.10 4.51 11.00
CA TYR B 78 -12.65 3.72 12.14
C TYR B 78 -12.27 2.32 11.68
N HIS B 79 -10.99 1.96 11.79
CA HIS B 79 -10.51 0.66 11.34
C HIS B 79 -11.13 -0.49 12.12
N GLY B 80 -11.22 -1.64 11.47
CA GLY B 80 -11.64 -2.86 12.13
C GLY B 80 -10.48 -3.51 12.89
N GLY B 81 -10.82 -4.63 13.52
CA GLY B 81 -9.86 -5.35 14.35
C GLY B 81 -10.48 -5.78 15.67
N GLY B 82 -11.79 -5.93 15.70
CA GLY B 82 -12.44 -6.51 16.88
C GLY B 82 -12.26 -5.72 18.17
N TRP B 83 -12.04 -4.40 18.03
CA TRP B 83 -11.79 -3.45 19.12
C TRP B 83 -10.46 -3.70 19.84
N VAL B 84 -9.67 -4.64 19.36
CA VAL B 84 -8.46 -5.09 20.07
C VAL B 84 -7.20 -4.91 19.22
N ILE B 85 -7.33 -5.07 17.89
CA ILE B 85 -6.18 -5.02 16.99
C ILE B 85 -6.43 -4.03 15.85
N GLY B 86 -5.47 -3.91 14.95
CA GLY B 86 -5.59 -2.94 13.86
C GLY B 86 -4.85 -1.64 14.15
N THR B 87 -4.40 -0.99 13.08
CA THR B 87 -3.66 0.26 13.16
C THR B 87 -4.00 1.12 11.95
N LEU B 88 -3.48 2.33 11.91
CA LEU B 88 -3.62 3.15 10.71
C LEU B 88 -3.00 2.46 9.51
N ASP B 89 -1.91 1.72 9.73
CA ASP B 89 -1.23 1.06 8.63
C ASP B 89 -1.94 -0.20 8.12
N THR B 90 -2.60 -0.95 9.00
CA THR B 90 -3.33 -2.14 8.52
C THR B 90 -4.47 -1.73 7.63
N HIS B 91 -5.00 -0.52 7.83
CA HIS B 91 -6.18 -0.12 7.08
C HIS B 91 -5.90 1.01 6.09
N ASP B 92 -4.62 1.30 5.88
CA ASP B 92 -4.25 2.39 4.99
C ASP B 92 -4.73 2.13 3.55
N GLY B 93 -4.61 0.88 3.09
CA GLY B 93 -5.04 0.56 1.73
C GLY B 93 -6.54 0.76 1.55
N THR B 94 -7.31 0.38 2.55
CA THR B 94 -8.77 0.49 2.52
C THR B 94 -9.19 1.96 2.49
N CYS B 95 -8.57 2.77 3.32
CA CYS B 95 -8.86 4.20 3.35
C CYS B 95 -8.52 4.85 2.01
N ARG B 96 -7.39 4.46 1.41
CA ARG B 96 -7.01 5.03 0.12
C ARG B 96 -8.06 4.69 -0.93
N ALA B 97 -8.51 3.43 -0.91
CA ALA B 97 -9.50 2.98 -1.88
C ALA B 97 -10.81 3.76 -1.72
N LEU B 98 -11.25 3.96 -0.48
CA LEU B 98 -12.50 4.66 -0.25
C LEU B 98 -12.39 6.14 -0.61
N ALA B 99 -11.24 6.74 -0.31
CA ALA B 99 -11.05 8.16 -0.68
C ALA B 99 -11.08 8.33 -2.19
N GLN B 100 -10.33 7.47 -2.87
CA GLN B 100 -10.20 7.53 -4.33
C GLN B 100 -11.55 7.35 -5.03
N LYS B 101 -12.34 6.39 -4.57
CA LYS B 101 -13.60 6.11 -5.24
C LYS B 101 -14.75 7.01 -4.79
N SER B 102 -14.57 7.77 -3.71
CA SER B 102 -15.63 8.66 -3.24
C SER B 102 -15.39 10.13 -3.59
N GLY B 103 -14.13 10.51 -3.80
CA GLY B 103 -13.82 11.91 -4.02
C GLY B 103 -13.89 12.72 -2.73
N CYS B 104 -13.99 12.04 -1.60
CA CYS B 104 -14.05 12.70 -0.31
C CYS B 104 -12.77 12.50 0.47
N ALA B 105 -12.46 13.44 1.35
CA ALA B 105 -11.33 13.25 2.27
C ALA B 105 -11.72 12.15 3.26
N VAL B 106 -10.74 11.44 3.78
CA VAL B 106 -10.96 10.42 4.78
C VAL B 106 -10.01 10.68 5.93
N LEU B 107 -10.54 10.69 7.15
CA LEU B 107 -9.69 10.86 8.33
C LEU B 107 -9.78 9.59 9.17
N SER B 108 -8.71 8.80 9.11
CA SER B 108 -8.66 7.52 9.78
C SER B 108 -8.15 7.72 11.21
N ILE B 109 -8.88 7.15 12.18
CA ILE B 109 -8.65 7.42 13.61
C ILE B 109 -8.06 6.21 14.34
N ALA B 110 -6.91 6.38 15.00
CA ALA B 110 -6.35 5.31 15.82
C ALA B 110 -6.89 5.45 17.23
N TYR B 111 -8.10 4.96 17.44
CA TYR B 111 -8.73 5.01 18.73
C TYR B 111 -8.03 4.04 19.68
N ARG B 112 -8.19 4.26 20.99
CA ARG B 112 -7.59 3.35 21.97
C ARG B 112 -8.27 1.98 21.96
N LEU B 113 -7.46 0.93 22.22
CA LEU B 113 -7.93 -0.45 22.01
C LEU B 113 -8.14 -1.19 23.32
N ALA B 114 -9.05 -2.16 23.28
CA ALA B 114 -9.29 -3.08 24.38
C ALA B 114 -8.24 -4.20 24.31
N PRO B 115 -7.98 -4.89 25.42
CA PRO B 115 -8.57 -4.81 26.76
C PRO B 115 -7.98 -3.70 27.62
N GLU B 116 -6.93 -3.05 27.14
CA GLU B 116 -6.35 -1.93 27.88
C GLU B 116 -7.39 -0.85 28.14
N TYR B 117 -8.18 -0.54 27.11
CA TYR B 117 -9.25 0.45 27.22
C TYR B 117 -10.56 -0.22 26.85
N ARG B 118 -11.31 -0.62 27.86
CA ARG B 118 -12.54 -1.36 27.61
C ARG B 118 -13.68 -0.43 27.25
N TYR B 119 -14.74 -1.02 26.70
CA TYR B 119 -16.00 -0.32 26.49
C TYR B 119 -16.32 0.48 27.73
N PRO B 120 -16.72 1.75 27.57
CA PRO B 120 -17.02 2.43 26.30
C PRO B 120 -15.90 3.32 25.76
N ALA B 121 -14.67 3.16 26.26
CA ALA B 121 -13.63 4.10 25.88
C ALA B 121 -13.35 4.17 24.37
N PRO B 122 -13.27 3.01 23.68
CA PRO B 122 -12.99 3.13 22.25
C PRO B 122 -14.09 3.89 21.51
N ALA B 123 -15.35 3.66 21.89
CA ALA B 123 -16.45 4.38 21.23
C ALA B 123 -16.42 5.87 21.55
N GLU B 124 -16.05 6.23 22.78
CA GLU B 124 -15.95 7.64 23.14
C GLU B 124 -14.82 8.29 22.38
N ASP B 125 -13.73 7.56 22.16
CA ASP B 125 -12.62 8.06 21.34
C ASP B 125 -13.11 8.37 19.93
N CYS B 126 -13.87 7.44 19.36
CA CYS B 126 -14.33 7.61 17.99
C CYS B 126 -15.31 8.78 17.89
N TYR B 127 -16.20 8.91 18.85
CA TYR B 127 -17.13 10.03 18.85
C TYR B 127 -16.38 11.36 19.06
N ASP B 128 -15.51 11.40 20.06
CA ASP B 128 -14.77 12.65 20.33
C ASP B 128 -13.88 13.05 19.15
N ALA B 129 -13.41 12.06 18.37
CA ALA B 129 -12.61 12.38 17.19
C ALA B 129 -13.46 13.03 16.12
N LEU B 130 -14.71 12.59 16.00
CA LEU B 130 -15.64 13.23 15.06
C LEU B 130 -15.91 14.67 15.48
N VAL B 131 -16.20 14.87 16.76
CA VAL B 131 -16.40 16.22 17.31
C VAL B 131 -15.16 17.08 17.06
N TRP B 132 -13.98 16.51 17.26
CA TRP B 132 -12.74 17.24 17.03
C TRP B 132 -12.60 17.65 15.56
N ALA B 133 -12.94 16.73 14.65
CA ALA B 133 -12.80 17.00 13.23
C ALA B 133 -13.73 18.13 12.79
N LYS B 134 -14.95 18.13 13.31
CA LYS B 134 -15.88 19.23 13.04
C LYS B 134 -15.33 20.56 13.57
N GLN B 135 -14.89 20.54 14.82
CA GLN B 135 -14.35 21.75 15.46
C GLN B 135 -13.13 22.27 14.71
N ASN B 136 -12.34 21.35 14.17
CA ASN B 136 -11.07 21.70 13.55
C ASN B 136 -11.08 21.54 12.04
N ALA B 137 -12.27 21.64 11.45
CA ALA B 137 -12.43 21.47 10.03
C ALA B 137 -11.53 22.42 9.24
N ALA B 138 -11.47 23.67 9.69
CA ALA B 138 -10.66 24.66 9.00
C ALA B 138 -9.18 24.29 9.04
N THR B 139 -8.74 23.75 10.17
CA THR B 139 -7.37 23.28 10.33
C THR B 139 -7.07 22.10 9.40
N LEU B 140 -8.05 21.21 9.24
CA LEU B 140 -7.91 20.07 8.33
C LEU B 140 -8.05 20.48 6.87
N GLY B 141 -8.72 21.60 6.64
CA GLY B 141 -8.96 22.06 5.28
C GLY B 141 -10.17 21.39 4.64
N VAL B 142 -11.14 20.99 5.46
CA VAL B 142 -12.31 20.29 4.98
C VAL B 142 -13.60 21.04 5.28
N ASP B 143 -14.68 20.57 4.68
CA ASP B 143 -16.00 21.16 4.88
C ASP B 143 -16.66 20.50 6.08
N GLY B 144 -16.68 21.19 7.23
CA GLY B 144 -17.26 20.64 8.44
C GLY B 144 -18.77 20.43 8.37
N ASP B 145 -19.40 20.94 7.32
CA ASP B 145 -20.85 20.76 7.19
C ASP B 145 -21.22 19.59 6.28
N ARG B 146 -20.20 18.91 5.76
CA ARG B 146 -20.43 17.71 4.99
C ARG B 146 -19.61 16.57 5.60
N LEU B 147 -20.17 15.93 6.62
CA LEU B 147 -19.44 14.92 7.40
C LEU B 147 -20.14 13.57 7.35
N ALA B 148 -19.32 12.52 7.34
CA ALA B 148 -19.83 11.15 7.41
C ALA B 148 -18.95 10.36 8.35
N VAL B 149 -19.43 9.19 8.75
CA VAL B 149 -18.58 8.21 9.43
C VAL B 149 -18.58 6.88 8.67
N GLY B 150 -17.55 6.07 8.85
CA GLY B 150 -17.57 4.75 8.28
C GLY B 150 -16.56 3.88 8.99
N GLY B 151 -16.66 2.57 8.76
CA GLY B 151 -15.68 1.65 9.32
C GLY B 151 -15.99 0.24 8.90
N ASP B 152 -15.03 -0.65 9.06
CA ASP B 152 -15.21 -2.05 8.72
C ASP B 152 -15.18 -2.89 9.99
N SER B 153 -16.07 -3.88 10.05
CA SER B 153 -16.08 -4.86 11.14
C SER B 153 -16.31 -4.15 12.48
N ALA B 154 -15.40 -4.26 13.45
CA ALA B 154 -15.61 -3.55 14.71
C ALA B 154 -15.56 -2.04 14.47
N GLY B 155 -14.87 -1.65 13.40
CA GLY B 155 -14.89 -0.26 12.99
C GLY B 155 -16.25 0.21 12.48
N GLY B 156 -16.96 -0.66 11.80
CA GLY B 156 -18.34 -0.37 11.39
C GLY B 156 -19.26 -0.32 12.60
N ASN B 157 -19.02 -1.22 13.55
CA ASN B 157 -19.66 -1.12 14.87
C ASN B 157 -19.46 0.26 15.50
N LEU B 158 -18.21 0.72 15.54
CA LEU B 158 -17.91 2.00 16.13
C LEU B 158 -18.56 3.13 15.33
N ALA B 159 -18.56 3.02 14.01
CA ALA B 159 -19.24 4.04 13.18
C ALA B 159 -20.74 4.12 13.51
N ALA B 160 -21.38 2.96 13.65
CA ALA B 160 -22.79 2.93 13.98
C ALA B 160 -23.03 3.55 15.36
N ALA B 161 -22.16 3.23 16.32
CA ALA B 161 -22.30 3.81 17.66
C ALA B 161 -22.12 5.33 17.62
N VAL B 162 -21.13 5.79 16.86
CA VAL B 162 -20.89 7.22 16.73
C VAL B 162 -22.11 7.92 16.12
N ALA B 163 -22.75 7.29 15.14
CA ALA B 163 -23.92 7.89 14.52
C ALA B 163 -25.04 8.05 15.56
N ILE B 164 -25.18 7.05 16.42
CA ILE B 164 -26.20 7.09 17.48
C ILE B 164 -25.84 8.16 18.50
N MET B 165 -24.58 8.17 18.94
CA MET B 165 -24.11 9.20 19.87
C MET B 165 -24.27 10.63 19.33
N ALA B 166 -23.94 10.83 18.05
CA ALA B 166 -24.12 12.15 17.43
C ALA B 166 -25.58 12.60 17.42
N ARG B 167 -26.48 11.67 17.10
CA ARG B 167 -27.90 11.99 17.17
C ARG B 167 -28.28 12.35 18.61
N ASP B 168 -27.90 11.50 19.56
CA ASP B 168 -28.37 11.67 20.94
C ASP B 168 -27.80 12.91 21.62
N ARG B 169 -26.56 13.27 21.29
CA ARG B 169 -25.88 14.36 21.98
C ARG B 169 -25.97 15.66 21.20
N ASN B 170 -26.79 15.69 20.15
CA ASN B 170 -26.87 16.85 19.27
C ASN B 170 -25.46 17.20 18.79
N GLY B 171 -24.73 16.16 18.40
CA GLY B 171 -23.35 16.26 17.98
C GLY B 171 -23.34 16.68 16.54
N PRO B 172 -22.19 16.53 15.86
CA PRO B 172 -22.12 17.01 14.48
C PRO B 172 -23.15 16.35 13.60
N ALA B 173 -23.78 17.11 12.72
CA ALA B 173 -24.70 16.52 11.78
C ALA B 173 -23.93 15.58 10.87
N LEU B 174 -24.51 14.39 10.63
CA LEU B 174 -23.87 13.43 9.73
C LEU B 174 -24.73 13.21 8.50
N ARG B 175 -24.08 13.12 7.34
CA ARG B 175 -24.82 12.89 6.09
C ARG B 175 -24.82 11.44 5.69
N HIS B 176 -23.95 10.63 6.30
CA HIS B 176 -23.90 9.21 5.92
C HIS B 176 -23.14 8.42 6.97
N GLN B 177 -23.48 7.14 7.08
CA GLN B 177 -22.69 6.18 7.85
C GLN B 177 -22.47 4.96 6.95
N LEU B 178 -21.20 4.67 6.69
CA LEU B 178 -20.84 3.57 5.82
C LEU B 178 -20.41 2.39 6.69
N LEU B 179 -21.26 1.37 6.77
CA LEU B 179 -21.03 0.24 7.67
C LEU B 179 -20.64 -0.99 6.86
N ILE B 180 -19.37 -1.34 6.94
CA ILE B 180 -18.81 -2.41 6.13
C ILE B 180 -18.66 -3.67 6.99
N TYR B 181 -19.37 -4.74 6.60
CA TYR B 181 -19.54 -5.95 7.44
C TYR B 181 -19.38 -5.68 8.95
N PRO B 182 -20.28 -4.87 9.53
CA PRO B 182 -20.17 -4.44 10.92
C PRO B 182 -20.48 -5.55 11.93
N VAL B 183 -19.85 -5.46 13.08
CA VAL B 183 -20.30 -6.18 14.27
C VAL B 183 -21.50 -5.42 14.84
N THR B 184 -22.61 -6.11 15.13
CA THR B 184 -23.72 -5.41 15.75
C THR B 184 -24.31 -6.06 17.00
N ASP B 185 -23.89 -7.27 17.31
CA ASP B 185 -24.50 -7.99 18.45
C ASP B 185 -23.62 -9.14 18.88
N ASN B 186 -23.86 -9.69 20.07
CA ASN B 186 -23.05 -10.82 20.54
C ASN B 186 -23.89 -12.07 20.66
N ASP B 187 -24.82 -12.24 19.73
CA ASP B 187 -25.64 -13.44 19.69
C ASP B 187 -24.99 -14.47 18.77
N PHE B 188 -24.26 -15.41 19.33
CA PHE B 188 -23.53 -16.32 18.47
C PHE B 188 -24.37 -17.52 18.04
N THR B 189 -25.70 -17.41 18.20
CA THR B 189 -26.59 -18.49 17.77
C THR B 189 -27.21 -18.24 16.40
N LEU B 190 -26.97 -17.05 15.84
CA LEU B 190 -27.50 -16.75 14.50
C LEU B 190 -26.95 -17.70 13.45
N ALA B 191 -27.74 -17.97 12.41
CA ALA B 191 -27.40 -18.98 11.42
C ALA B 191 -26.03 -18.79 10.77
N SER B 192 -25.65 -17.54 10.50
CA SER B 192 -24.39 -17.30 9.82
C SER B 192 -23.18 -17.70 10.65
N TYR B 193 -23.31 -17.72 11.98
CA TYR B 193 -22.21 -18.23 12.79
C TYR B 193 -22.04 -19.73 12.58
N ALA B 194 -23.15 -20.46 12.54
CA ALA B 194 -23.12 -21.90 12.31
C ALA B 194 -22.57 -22.22 10.92
N GLU B 195 -23.00 -21.44 9.94
CA GLU B 195 -22.56 -21.68 8.58
C GLU B 195 -21.12 -21.29 8.35
N ASN B 196 -20.73 -20.12 8.85
CA ASN B 196 -19.51 -19.46 8.40
C ASN B 196 -18.41 -19.33 9.44
N GLY B 197 -18.73 -19.64 10.69
CA GLY B 197 -17.84 -19.31 11.79
C GLY B 197 -16.84 -20.38 12.19
N GLY B 198 -16.69 -21.40 11.36
CA GLY B 198 -15.85 -22.54 11.69
C GLY B 198 -14.35 -22.28 11.69
N GLY B 199 -13.95 -21.18 11.08
CA GLY B 199 -12.54 -20.84 11.00
C GLY B 199 -11.99 -20.89 9.58
N GLU B 200 -12.71 -21.54 8.68
CA GLU B 200 -12.22 -21.70 7.32
C GLU B 200 -12.41 -20.43 6.48
N TYR B 201 -13.13 -19.45 7.01
CA TYR B 201 -13.38 -18.20 6.28
C TYR B 201 -12.79 -16.95 6.98
N TYR B 202 -11.55 -17.10 7.48
CA TYR B 202 -10.77 -15.99 8.04
C TYR B 202 -11.22 -15.52 9.43
N LEU B 203 -12.51 -15.23 9.61
CA LEU B 203 -13.05 -14.90 10.95
C LEU B 203 -13.86 -16.07 11.52
N SER B 204 -13.60 -16.41 12.78
CA SER B 204 -14.30 -17.53 13.41
C SER B 204 -15.21 -17.06 14.54
N THR B 205 -16.16 -17.92 14.92
CA THR B 205 -17.04 -17.62 16.02
C THR B 205 -16.23 -17.44 17.30
N ASP B 206 -15.26 -18.32 17.51
CA ASP B 206 -14.44 -18.23 18.71
C ASP B 206 -13.62 -16.94 18.71
N GLY B 207 -13.20 -16.52 17.53
CA GLY B 207 -12.54 -15.22 17.38
C GLY B 207 -13.43 -14.09 17.85
N MET B 208 -14.69 -14.07 17.41
CA MET B 208 -15.60 -13.04 17.89
C MET B 208 -15.85 -13.10 19.39
N ARG B 209 -15.96 -14.31 19.96
CA ARG B 209 -16.13 -14.42 21.41
C ARG B 209 -14.96 -13.78 22.15
N TRP B 210 -13.75 -14.01 21.62
CA TRP B 210 -12.51 -13.43 22.15
C TRP B 210 -12.51 -11.90 22.09
N PHE B 211 -12.84 -11.35 20.92
CA PHE B 211 -12.93 -9.90 20.78
C PHE B 211 -13.97 -9.32 21.75
N TRP B 212 -15.17 -9.91 21.79
CA TRP B 212 -16.24 -9.41 22.63
C TRP B 212 -15.84 -9.43 24.10
N GLY B 213 -15.19 -10.51 24.49
CA GLY B 213 -14.69 -10.64 25.86
C GLY B 213 -13.74 -9.52 26.26
N HIS B 214 -12.78 -9.22 25.39
CA HIS B 214 -11.83 -8.15 25.68
C HIS B 214 -12.48 -6.77 25.70
N TYR B 215 -13.42 -6.53 24.79
CA TYR B 215 -14.05 -5.22 24.71
C TYR B 215 -14.91 -4.94 25.94
N LEU B 216 -15.76 -5.89 26.31
CA LEU B 216 -16.69 -5.67 27.40
C LEU B 216 -16.09 -5.87 28.79
N GLY B 217 -15.14 -6.79 28.90
CA GLY B 217 -14.59 -7.13 30.21
C GLY B 217 -15.70 -7.61 31.11
N ASP B 218 -15.92 -6.91 32.22
CA ASP B 218 -16.92 -7.30 33.21
C ASP B 218 -18.33 -6.81 32.86
N THR B 219 -18.42 -5.82 31.96
CA THR B 219 -19.71 -5.25 31.58
C THR B 219 -20.56 -6.25 30.82
N ALA B 220 -21.80 -6.42 31.26
CA ALA B 220 -22.70 -7.31 30.56
C ALA B 220 -23.14 -6.63 29.27
N ALA B 221 -23.30 -7.41 28.19
CA ALA B 221 -23.70 -6.84 26.90
C ALA B 221 -25.00 -6.05 26.98
N GLU B 222 -25.90 -6.46 27.87
CA GLU B 222 -27.17 -5.77 28.02
C GLU B 222 -26.98 -4.37 28.59
N ASN B 223 -25.81 -4.11 29.19
CA ASN B 223 -25.49 -2.77 29.69
C ASN B 223 -24.50 -2.05 28.79
N ALA B 224 -24.33 -2.56 27.58
CA ALA B 224 -23.46 -1.93 26.59
C ALA B 224 -24.18 -1.74 25.27
N PRO B 225 -25.18 -0.85 25.23
CA PRO B 225 -26.01 -0.67 24.04
C PRO B 225 -25.24 -0.05 22.87
N LEU B 226 -24.20 0.72 23.18
CA LEU B 226 -23.37 1.27 22.11
C LEU B 226 -22.34 0.26 21.61
N ALA B 227 -22.33 -0.94 22.18
CA ALA B 227 -21.60 -2.06 21.57
C ALA B 227 -22.56 -2.94 20.80
N ALA B 228 -23.53 -3.51 21.49
CA ALA B 228 -24.53 -4.33 20.82
C ALA B 228 -25.61 -3.42 20.26
N VAL B 229 -25.28 -2.70 19.19
CA VAL B 229 -26.18 -1.68 18.68
C VAL B 229 -27.49 -2.26 18.12
N LEU B 230 -27.51 -3.57 17.86
CA LEU B 230 -28.74 -4.22 17.40
C LEU B 230 -29.81 -4.17 18.50
N ASN B 231 -29.41 -3.89 19.74
CA ASN B 231 -30.36 -3.83 20.84
C ASN B 231 -30.83 -2.41 21.18
N VAL B 232 -30.45 -1.43 20.36
CA VAL B 232 -30.94 -0.08 20.58
C VAL B 232 -32.38 0.02 20.11
N ALA B 233 -33.26 0.54 20.97
CA ALA B 233 -34.70 0.52 20.65
C ALA B 233 -35.10 1.37 19.45
N ASP B 234 -34.67 2.63 19.45
CA ASP B 234 -35.14 3.61 18.49
C ASP B 234 -34.00 4.07 17.60
N LEU B 235 -34.03 3.63 16.35
CA LEU B 235 -32.98 4.02 15.41
C LEU B 235 -33.42 5.16 14.48
N SER B 236 -34.58 5.77 14.75
CA SER B 236 -35.07 6.80 13.84
C SER B 236 -34.20 8.05 13.88
N GLY B 237 -34.08 8.72 12.73
CA GLY B 237 -33.36 9.98 12.64
C GLY B 237 -31.84 9.85 12.56
N LEU B 238 -31.35 8.63 12.41
CA LEU B 238 -29.91 8.42 12.25
C LEU B 238 -29.47 8.76 10.82
N ALA B 239 -28.17 9.00 10.65
CA ALA B 239 -27.60 9.23 9.33
C ALA B 239 -27.98 8.14 8.33
N PRO B 240 -28.30 8.55 7.09
CA PRO B 240 -28.49 7.59 5.99
C PRO B 240 -27.31 6.60 5.95
N ALA B 241 -27.60 5.34 5.66
CA ALA B 241 -26.62 4.28 5.85
C ALA B 241 -26.39 3.45 4.60
N THR B 242 -25.17 2.92 4.50
CA THR B 242 -24.87 1.81 3.62
C THR B 242 -24.46 0.65 4.51
N VAL B 243 -25.03 -0.52 4.30
CA VAL B 243 -24.63 -1.70 5.08
C VAL B 243 -24.29 -2.83 4.12
N ILE B 244 -23.01 -3.06 3.93
CA ILE B 244 -22.57 -4.12 3.05
C ILE B 244 -22.12 -5.32 3.90
N THR B 245 -22.79 -6.46 3.73
CA THR B 245 -22.39 -7.69 4.40
C THR B 245 -21.78 -8.66 3.40
N ALA B 246 -21.28 -9.79 3.89
CA ALA B 246 -20.60 -10.76 3.04
C ALA B 246 -21.20 -12.15 3.23
N GLU B 247 -21.37 -12.90 2.15
CA GLU B 247 -22.09 -14.17 2.17
C GLU B 247 -21.50 -15.16 3.16
N TYR B 248 -20.16 -15.23 3.18
CA TYR B 248 -19.46 -16.23 3.97
C TYR B 248 -18.85 -15.68 5.25
N ASP B 249 -19.44 -14.59 5.73
CA ASP B 249 -19.01 -13.92 6.95
C ASP B 249 -19.92 -14.41 8.09
N PRO B 250 -19.35 -14.83 9.24
CA PRO B 250 -20.25 -15.14 10.35
C PRO B 250 -21.04 -13.96 10.86
N LEU B 251 -20.55 -12.73 10.62
CA LEU B 251 -21.26 -11.53 11.03
C LEU B 251 -22.39 -11.18 10.07
N ARG B 252 -22.59 -11.98 9.03
CA ARG B 252 -23.58 -11.64 8.00
C ARG B 252 -24.98 -11.37 8.57
N ASP B 253 -25.49 -12.29 9.38
CA ASP B 253 -26.88 -12.14 9.77
C ASP B 253 -27.13 -10.96 10.72
N GLU B 254 -26.17 -10.65 11.59
CA GLU B 254 -26.39 -9.51 12.48
C GLU B 254 -26.26 -8.20 11.72
N GLY B 255 -25.46 -8.19 10.65
CA GLY B 255 -25.37 -7.01 9.79
C GLY B 255 -26.66 -6.76 9.02
N ILE B 256 -27.17 -7.81 8.40
CA ILE B 256 -28.48 -7.78 7.75
C ILE B 256 -29.56 -7.30 8.70
N ALA B 257 -29.56 -7.85 9.92
CA ALA B 257 -30.56 -7.45 10.92
C ALA B 257 -30.49 -5.96 11.26
N TYR B 258 -29.28 -5.42 11.40
CA TYR B 258 -29.17 -4.01 11.73
C TYR B 258 -29.66 -3.14 10.57
N ALA B 259 -29.35 -3.55 9.35
CA ALA B 259 -29.83 -2.83 8.17
C ALA B 259 -31.36 -2.82 8.14
N LYS B 260 -31.94 -3.96 8.45
CA LYS B 260 -33.38 -4.11 8.43
C LYS B 260 -34.00 -3.19 9.49
N LYS B 261 -33.37 -3.10 10.66
CA LYS B 261 -33.90 -2.22 11.70
C LYS B 261 -33.75 -0.75 11.33
N LEU B 262 -32.62 -0.38 10.72
CA LEU B 262 -32.45 1.00 10.24
C LEU B 262 -33.55 1.36 9.26
N ASP B 263 -33.78 0.49 8.29
CA ASP B 263 -34.78 0.76 7.26
C ASP B 263 -36.18 0.89 7.90
N ALA B 264 -36.49 -0.01 8.82
CA ALA B 264 -37.79 0.02 9.50
C ALA B 264 -38.01 1.29 10.31
N ALA B 265 -36.93 1.89 10.80
CA ALA B 265 -37.00 3.13 11.55
C ALA B 265 -37.07 4.36 10.63
N GLY B 266 -37.09 4.14 9.32
CA GLY B 266 -37.21 5.24 8.38
C GLY B 266 -35.91 5.85 7.89
N VAL B 267 -34.79 5.23 8.28
CA VAL B 267 -33.48 5.67 7.81
C VAL B 267 -33.27 5.16 6.39
N PRO B 268 -32.87 6.04 5.46
CA PRO B 268 -32.59 5.51 4.11
C PRO B 268 -31.38 4.56 4.16
N VAL B 269 -31.52 3.35 3.65
CA VAL B 269 -30.44 2.35 3.71
C VAL B 269 -30.20 1.67 2.37
N ASP B 270 -28.95 1.65 1.93
CA ASP B 270 -28.55 0.73 0.88
C ASP B 270 -27.91 -0.48 1.53
N ALA B 271 -28.58 -1.62 1.47
CA ALA B 271 -28.06 -2.81 2.12
C ALA B 271 -27.97 -3.95 1.13
N ALA B 272 -26.83 -4.61 1.12
CA ALA B 272 -26.69 -5.80 0.27
C ALA B 272 -25.64 -6.73 0.81
N THR B 273 -25.84 -8.02 0.56
CA THR B 273 -24.88 -9.05 0.89
C THR B 273 -24.10 -9.41 -0.36
N ALA B 274 -22.78 -9.29 -0.28
CA ALA B 274 -21.92 -9.58 -1.41
C ALA B 274 -21.74 -11.08 -1.57
N PRO B 275 -22.20 -11.63 -2.71
CA PRO B 275 -22.09 -13.08 -2.93
C PRO B 275 -20.64 -13.52 -3.00
N GLY B 276 -20.34 -14.67 -2.41
CA GLY B 276 -19.04 -15.29 -2.57
C GLY B 276 -17.92 -14.70 -1.71
N MET B 277 -18.24 -13.66 -0.95
CA MET B 277 -17.20 -12.92 -0.23
C MET B 277 -17.08 -13.36 1.22
N ILE B 278 -15.92 -13.09 1.80
CA ILE B 278 -15.68 -13.38 3.21
C ILE B 278 -15.54 -12.08 3.99
N HIS B 279 -15.58 -12.19 5.30
CA HIS B 279 -15.23 -11.08 6.17
C HIS B 279 -13.91 -10.44 5.75
N GLY B 280 -13.84 -9.12 5.72
CA GLY B 280 -12.59 -8.47 5.46
C GLY B 280 -12.33 -8.15 3.99
N PHE B 281 -13.29 -8.44 3.11
CA PHE B 281 -12.96 -8.42 1.68
C PHE B 281 -12.72 -7.02 1.10
N PHE B 282 -13.14 -5.97 1.80
CA PHE B 282 -12.80 -4.61 1.33
C PHE B 282 -11.31 -4.36 1.36
N SER B 283 -10.60 -5.06 2.23
CA SER B 283 -9.17 -4.85 2.36
C SER B 283 -8.39 -5.77 1.43
N MET B 284 -9.10 -6.62 0.71
CA MET B 284 -8.46 -7.65 -0.11
C MET B 284 -8.50 -7.35 -1.60
N PHE B 285 -8.67 -6.10 -1.96
CA PHE B 285 -8.91 -5.73 -3.35
C PHE B 285 -7.74 -6.01 -4.29
N GLU B 286 -6.52 -6.10 -3.76
CA GLU B 286 -5.39 -6.42 -4.62
C GLU B 286 -5.44 -7.85 -5.11
N ALA B 287 -5.81 -8.78 -4.24
CA ALA B 287 -5.89 -10.19 -4.63
C ALA B 287 -7.26 -10.55 -5.17
N VAL B 288 -8.26 -9.75 -4.82
CA VAL B 288 -9.66 -10.01 -5.18
C VAL B 288 -10.24 -8.77 -5.86
N PRO B 289 -9.97 -8.60 -7.17
CA PRO B 289 -10.39 -7.37 -7.85
C PRO B 289 -11.91 -7.18 -7.85
N ASP B 290 -12.65 -8.27 -7.66
CA ASP B 290 -14.11 -8.22 -7.48
C ASP B 290 -14.54 -7.39 -6.27
N SER B 291 -13.64 -7.21 -5.30
CA SER B 291 -13.92 -6.37 -4.14
C SER B 291 -14.23 -4.93 -4.58
N TRP B 292 -13.63 -4.53 -5.70
CA TRP B 292 -13.73 -3.13 -6.12
C TRP B 292 -15.18 -2.73 -6.42
N GLU B 293 -15.99 -3.67 -6.90
CA GLU B 293 -17.39 -3.37 -7.18
C GLU B 293 -18.08 -2.85 -5.92
N TRP B 294 -17.77 -3.49 -4.80
CA TRP B 294 -18.42 -3.17 -3.54
C TRP B 294 -17.82 -1.95 -2.89
N ILE B 295 -16.50 -1.81 -2.99
CA ILE B 295 -15.83 -0.59 -2.55
C ILE B 295 -16.41 0.60 -3.30
N GLU B 296 -16.55 0.46 -4.62
CA GLU B 296 -17.14 1.56 -5.41
C GLU B 296 -18.59 1.87 -5.02
N ARG B 297 -19.39 0.85 -4.75
CA ARG B 297 -20.77 1.06 -4.33
C ARG B 297 -20.85 1.86 -3.03
N GLY B 298 -20.11 1.43 -2.01
CA GLY B 298 -20.10 2.16 -0.75
C GLY B 298 -19.59 3.59 -0.90
N ALA B 299 -18.50 3.75 -1.67
CA ALA B 299 -17.86 5.04 -1.87
C ALA B 299 -18.79 5.94 -2.68
N SER B 300 -19.54 5.32 -3.59
CA SER B 300 -20.47 6.07 -4.41
C SER B 300 -21.65 6.59 -3.60
N ASN B 301 -22.15 5.76 -2.68
CA ASN B 301 -23.20 6.22 -1.76
C ASN B 301 -22.71 7.39 -0.93
N LEU B 302 -21.45 7.32 -0.50
CA LEU B 302 -20.85 8.41 0.24
C LEU B 302 -20.84 9.71 -0.56
N LYS B 303 -20.38 9.59 -1.80
CA LYS B 303 -20.28 10.73 -2.71
C LYS B 303 -21.64 11.37 -2.92
N ARG B 304 -22.66 10.53 -3.07
CA ARG B 304 -24.02 11.03 -3.29
C ARG B 304 -24.46 11.86 -2.12
N ASP B 305 -24.33 11.32 -0.91
CA ASP B 305 -24.91 12.00 0.24
C ASP B 305 -24.04 13.15 0.76
N LEU B 306 -22.78 13.16 0.40
CA LEU B 306 -21.88 14.26 0.74
C LEU B 306 -21.74 15.27 -0.40
N ALA B 307 -22.67 15.23 -1.34
CA ALA B 307 -22.56 16.03 -2.56
C ALA B 307 -22.42 17.53 -2.31
N LEU B 308 -21.64 18.16 -3.18
CA LEU B 308 -21.40 19.59 -3.19
C LEU B 308 -22.69 20.37 -3.50
N GLU B 309 -22.79 21.57 -2.95
CA GLU B 309 -23.87 22.51 -3.26
C GLU B 309 -23.80 23.02 -4.70
N HIS B 310 -24.90 23.61 -5.19
CA HIS B 310 -24.91 24.20 -6.53
C HIS B 310 -23.94 25.36 -6.67
N HIS B 311 -23.20 25.36 -7.77
CA HIS B 311 -22.39 26.49 -8.19
C HIS B 311 -22.49 26.66 -9.70
N HIS B 312 -22.86 27.85 -10.15
CA HIS B 312 -22.85 28.19 -11.57
C HIS B 312 -21.41 28.24 -12.11
N HIS B 313 -21.25 27.94 -13.39
CA HIS B 313 -19.91 27.88 -13.98
C HIS B 313 -19.62 28.95 -15.03
N HIS B 314 -20.64 29.69 -15.45
CA HIS B 314 -20.46 30.83 -16.35
C HIS B 314 -19.94 32.04 -15.57
N HIS B 315 -18.66 32.38 -15.77
CA HIS B 315 -18.03 33.47 -15.04
C HIS B 315 -17.70 34.66 -15.95
#